data_6MLU
#
_entry.id   6MLU
#
_cell.length_a   1.000
_cell.length_b   1.000
_cell.length_c   1.000
_cell.angle_alpha   90.00
_cell.angle_beta   90.00
_cell.angle_gamma   90.00
#
_symmetry.space_group_name_H-M   'P 1'
#
_entity_poly.entity_id   1
_entity_poly.type   'polypeptide(L)'
_entity_poly.pdbx_seq_one_letter_code
;MGNILLRLIVFALDPLGLGRRFLIRPAVNLGWNVYDRVRSKADEKVGTVRELVLRLGLIAFAVVLIIWLAVFMYAAFYYV
YMPAISHTRPVHMQFKTCLETSTPCTFPHAHVSLTKKQQLLMVGQAYKVIVNIDMPESPQNLELGMFMVCAEMRDYDSML
RGHSCRSAMMRYRSPLIRMISTWVLSPLYVLGWKEEFQQVPVEIFSRYLEERQHPITDVYVEIQSQKIQFYTVTLHIVAD
FTGLRYIMFNWPVLSAIVAISTNLFFILVVFLLSWYHWSDAKWLHSVQIKYARLTKSLEPGVIHSKASSLRDDDDDLVAY
SDKSDIADVGGDTLSDVDADDLVLVKKSRSGKRESPDALRKRPTKKTTADHAAALEHHHHHH
;
_entity_poly.pdbx_strand_id   A,B
#
# COMPACT_ATOMS: atom_id res chain seq x y z
N ARG A 89 18.20 -0.55 10.19
CA ARG A 89 17.35 -0.97 11.30
C ARG A 89 16.09 -0.11 11.57
N PRO A 90 16.11 1.23 11.46
CA PRO A 90 14.83 1.94 11.44
C PRO A 90 14.10 1.74 10.12
N VAL A 91 12.87 1.26 10.21
CA VAL A 91 12.07 0.99 9.03
C VAL A 91 11.40 2.27 8.59
N HIS A 92 11.03 2.34 7.31
CA HIS A 92 10.45 3.54 6.72
C HIS A 92 9.41 3.13 5.69
N MET A 93 8.16 3.50 5.91
CA MET A 93 7.05 3.02 5.10
C MET A 93 6.62 4.12 4.13
N GLN A 94 6.35 3.72 2.88
CA GLN A 94 6.10 4.67 1.79
C GLN A 94 4.84 4.28 1.04
N PHE A 95 4.10 5.29 0.61
CA PHE A 95 2.87 5.07 -0.16
C PHE A 95 3.19 5.29 -1.63
N LYS A 96 3.55 4.20 -2.30
CA LYS A 96 3.85 4.27 -3.72
C LYS A 96 2.53 4.41 -4.48
N THR A 97 2.29 5.58 -5.06
CA THR A 97 1.03 5.86 -5.75
C THR A 97 1.12 5.33 -7.17
N CYS A 98 0.18 4.46 -7.54
CA CYS A 98 0.23 3.76 -8.81
C CYS A 98 -0.49 4.56 -9.89
N LEU A 99 0.06 5.75 -10.17
CA LEU A 99 -0.11 6.57 -11.37
C LEU A 99 -1.53 6.68 -11.93
N GLU A 100 -2.52 6.66 -11.03
CA GLU A 100 -3.96 6.84 -11.21
C GLU A 100 -4.62 5.98 -12.29
N THR A 101 -3.92 4.99 -12.83
CA THR A 101 -4.44 4.05 -13.82
C THR A 101 -3.65 2.74 -13.72
N SER A 102 -4.30 1.67 -14.16
CA SER A 102 -3.55 0.43 -14.43
C SER A 102 -2.73 0.57 -15.70
N THR A 103 -3.21 1.36 -16.66
CA THR A 103 -2.47 1.69 -17.86
C THR A 103 -1.33 2.63 -17.51
N PRO A 104 -0.19 2.53 -18.22
CA PRO A 104 0.96 3.38 -17.88
C PRO A 104 0.81 4.83 -18.30
N CYS A 105 0.17 5.63 -17.45
CA CYS A 105 0.18 7.08 -17.65
C CYS A 105 1.60 7.62 -17.56
N THR A 106 2.20 7.62 -16.36
CA THR A 106 3.63 7.93 -16.31
C THR A 106 4.47 6.80 -15.72
N PHE A 107 4.35 6.57 -14.40
CA PHE A 107 5.16 5.72 -13.54
C PHE A 107 4.69 5.81 -12.10
N PRO A 108 5.01 4.85 -11.22
CA PRO A 108 4.70 5.02 -9.80
C PRO A 108 5.50 6.15 -9.16
N HIS A 109 4.94 6.70 -8.08
CA HIS A 109 5.37 8.00 -7.53
C HIS A 109 5.41 7.89 -6.01
N ALA A 110 6.29 8.67 -5.40
CA ALA A 110 6.81 8.40 -4.07
C ALA A 110 7.22 9.67 -3.31
N HIS A 111 8.28 9.54 -2.50
CA HIS A 111 9.01 10.52 -1.67
C HIS A 111 8.21 11.12 -0.52
N VAL A 112 7.86 10.26 0.44
CA VAL A 112 7.55 10.68 1.79
C VAL A 112 8.67 10.16 2.71
N SER A 113 9.37 11.08 3.36
CA SER A 113 10.50 10.73 4.23
C SER A 113 10.81 11.89 5.16
N LEU A 114 10.73 11.66 6.47
CA LEU A 114 11.13 12.68 7.44
C LEU A 114 11.56 11.96 8.73
N THR A 115 12.87 11.72 8.86
CA THR A 115 13.50 11.35 10.13
C THR A 115 14.78 12.18 10.23
N LYS A 116 14.65 13.38 10.79
CA LYS A 116 15.76 14.33 10.80
C LYS A 116 16.87 13.89 11.76
N LYS A 117 16.51 13.27 12.88
CA LYS A 117 17.50 12.73 13.80
C LYS A 117 18.27 11.57 13.17
N GLN A 118 17.59 10.74 12.37
CA GLN A 118 18.25 9.65 11.68
C GLN A 118 18.95 10.12 10.42
N GLN A 119 18.49 11.23 9.85
CA GLN A 119 19.23 11.95 8.81
C GLN A 119 20.60 12.38 9.32
N LEU A 120 20.62 13.00 10.50
CA LEU A 120 21.89 13.46 11.09
C LEU A 120 22.75 12.28 11.52
N LEU A 121 22.15 11.23 12.06
CA LEU A 121 22.93 10.05 12.42
C LEU A 121 23.40 9.28 11.19
N MET A 122 22.74 9.44 10.04
CA MET A 122 23.27 8.88 8.81
C MET A 122 24.49 9.66 8.34
N VAL A 123 24.43 10.99 8.42
CA VAL A 123 25.53 11.81 7.90
C VAL A 123 26.75 11.71 8.81
N GLY A 124 26.55 11.86 10.12
CA GLY A 124 27.66 11.86 11.05
C GLY A 124 28.34 10.51 11.21
N GLN A 125 27.68 9.43 10.81
CA GLN A 125 28.21 8.09 11.00
C GLN A 125 28.22 7.26 9.72
N ALA A 126 28.02 7.89 8.55
CA ALA A 126 28.21 7.29 7.23
C ALA A 126 27.34 6.07 6.99
N TYR A 127 26.05 6.19 7.32
CA TYR A 127 25.12 5.09 7.15
C TYR A 127 24.69 4.98 5.69
N LYS A 128 23.88 3.96 5.38
CA LYS A 128 23.39 3.77 4.02
C LYS A 128 21.91 3.43 4.06
N VAL A 129 21.32 3.28 2.87
CA VAL A 129 19.89 3.10 2.71
C VAL A 129 19.65 1.96 1.72
N ILE A 130 18.59 1.18 1.97
CA ILE A 130 18.19 0.09 1.09
C ILE A 130 16.67 0.02 1.06
N VAL A 131 16.13 -0.15 -0.13
CA VAL A 131 14.68 -0.30 -0.32
C VAL A 131 14.37 -1.79 -0.32
N ASN A 132 13.14 -2.13 0.04
CA ASN A 132 12.70 -3.52 0.08
C ASN A 132 11.25 -3.56 -0.38
N ILE A 133 10.97 -4.37 -1.39
CA ILE A 133 9.65 -4.45 -1.99
C ILE A 133 9.08 -5.84 -1.75
N ASP A 134 7.82 -5.89 -1.33
CA ASP A 134 7.12 -7.15 -1.07
C ASP A 134 6.17 -7.39 -2.23
N MET A 135 6.41 -8.44 -3.00
CA MET A 135 5.63 -8.71 -4.19
C MET A 135 5.27 -10.19 -4.26
N PRO A 136 4.10 -10.51 -4.79
CA PRO A 136 3.67 -11.92 -4.79
C PRO A 136 4.18 -12.70 -5.99
N GLU A 137 3.78 -13.97 -6.07
CA GLU A 137 4.04 -14.78 -7.26
C GLU A 137 2.86 -14.73 -8.23
N SER A 138 2.43 -13.53 -8.59
CA SER A 138 1.37 -13.38 -9.57
C SER A 138 1.89 -13.77 -10.95
N PRO A 139 1.00 -14.27 -11.82
CA PRO A 139 1.41 -14.54 -13.21
C PRO A 139 1.87 -13.30 -13.96
N GLN A 140 1.24 -12.15 -13.72
CA GLN A 140 1.77 -10.90 -14.25
C GLN A 140 3.09 -10.55 -13.58
N ASN A 141 3.25 -10.91 -12.31
CA ASN A 141 4.51 -10.63 -11.63
C ASN A 141 5.60 -11.60 -12.08
N LEU A 142 5.24 -12.83 -12.40
CA LEU A 142 6.24 -13.78 -12.88
C LEU A 142 6.59 -13.57 -14.34
N GLU A 143 5.70 -12.96 -15.11
CA GLU A 143 6.00 -12.61 -16.50
C GLU A 143 6.88 -11.36 -16.60
N LEU A 144 7.04 -10.64 -15.48
CA LEU A 144 7.71 -9.35 -15.50
C LEU A 144 9.20 -9.48 -15.80
N GLY A 145 9.90 -10.28 -15.00
CA GLY A 145 11.33 -10.38 -15.20
C GLY A 145 12.06 -9.18 -14.63
N MET A 146 13.11 -8.75 -15.33
CA MET A 146 13.95 -7.68 -14.84
C MET A 146 13.25 -6.33 -14.98
N PHE A 147 13.46 -5.46 -14.00
CA PHE A 147 12.94 -4.11 -14.02
C PHE A 147 13.95 -3.20 -13.33
N MET A 148 13.92 -1.93 -13.70
CA MET A 148 14.77 -0.93 -13.08
C MET A 148 14.00 -0.19 -11.98
N VAL A 149 14.76 0.28 -10.99
CA VAL A 149 14.21 1.11 -9.92
C VAL A 149 15.21 2.24 -9.70
N CYS A 150 14.72 3.40 -9.31
CA CYS A 150 15.62 4.54 -9.24
C CYS A 150 15.20 5.45 -8.09
N ALA A 151 16.18 6.14 -7.51
CA ALA A 151 15.98 6.95 -6.33
C ALA A 151 16.83 8.22 -6.41
N GLU A 152 16.36 9.28 -5.76
CA GLU A 152 17.00 10.58 -5.79
C GLU A 152 17.30 11.04 -4.37
N MET A 153 18.07 12.13 -4.27
CA MET A 153 18.50 12.68 -2.99
C MET A 153 18.35 14.20 -3.04
N ARG A 154 17.23 14.70 -2.52
CA ARG A 154 16.98 16.14 -2.44
C ARG A 154 17.11 16.59 -0.98
N ASP A 155 17.88 17.66 -0.77
CA ASP A 155 18.30 18.03 0.57
C ASP A 155 17.27 18.93 1.24
N TYR A 156 17.69 19.53 2.36
CA TYR A 156 16.88 20.52 3.06
C TYR A 156 16.67 21.77 2.22
N ASP A 157 17.60 22.06 1.31
CA ASP A 157 17.44 23.13 0.34
C ASP A 157 16.73 22.67 -0.93
N SER A 158 16.24 21.42 -0.96
CA SER A 158 15.57 20.80 -2.10
C SER A 158 16.47 20.80 -3.35
N MET A 159 17.76 20.60 -3.14
CA MET A 159 18.72 20.46 -4.22
C MET A 159 19.05 18.97 -4.40
N LEU A 160 19.05 18.53 -5.65
CA LEU A 160 19.37 17.14 -5.98
C LEU A 160 20.84 16.87 -5.72
N ARG A 161 21.14 16.03 -4.72
CA ARG A 161 22.51 15.76 -4.32
C ARG A 161 22.99 14.37 -4.72
N GLY A 162 22.09 13.45 -4.99
CA GLY A 162 22.46 12.12 -5.40
C GLY A 162 21.36 11.46 -6.21
N HIS A 163 21.77 10.61 -7.14
CA HIS A 163 20.85 10.02 -8.10
C HIS A 163 21.40 8.67 -8.52
N SER A 164 20.66 7.60 -8.22
CA SER A 164 21.12 6.26 -8.59
C SER A 164 19.93 5.43 -9.04
N CYS A 165 20.02 4.91 -10.26
CA CYS A 165 19.05 3.95 -10.75
C CYS A 165 19.62 2.55 -10.59
N ARG A 166 18.77 1.63 -10.15
CA ARG A 166 19.21 0.29 -9.76
C ARG A 166 18.43 -0.77 -10.53
N SER A 167 19.07 -1.93 -10.68
CA SER A 167 18.47 -3.07 -11.36
C SER A 167 17.86 -4.03 -10.35
N ALA A 168 16.79 -4.70 -10.76
CA ALA A 168 16.09 -5.61 -9.86
C ALA A 168 15.36 -6.66 -10.68
N MET A 169 15.10 -7.79 -10.02
CA MET A 169 14.44 -8.95 -10.62
C MET A 169 14.04 -9.88 -9.49
N MET A 170 12.92 -10.57 -9.66
CA MET A 170 12.49 -11.58 -8.71
C MET A 170 13.45 -12.76 -8.69
N ARG A 171 13.53 -13.42 -7.54
CA ARG A 171 14.21 -14.70 -7.44
C ARG A 171 13.44 -15.73 -8.24
N TYR A 172 13.98 -16.15 -9.37
CA TYR A 172 13.26 -17.06 -10.25
C TYR A 172 13.25 -18.46 -9.67
N ARG A 173 12.08 -19.10 -9.74
CA ARG A 173 11.90 -20.48 -9.35
C ARG A 173 11.26 -21.22 -10.52
N SER A 174 11.65 -22.48 -10.71
CA SER A 174 11.00 -23.30 -11.71
C SER A 174 9.57 -23.61 -11.28
N PRO A 175 8.67 -23.88 -12.23
CA PRO A 175 7.31 -24.28 -11.84
C PRO A 175 7.27 -25.63 -11.13
N LEU A 176 8.22 -26.50 -11.42
CA LEU A 176 8.33 -27.77 -10.70
C LEU A 176 8.63 -27.53 -9.22
N ILE A 177 9.59 -26.67 -8.93
CA ILE A 177 9.95 -26.44 -7.54
C ILE A 177 8.91 -25.58 -6.83
N ARG A 178 8.10 -24.81 -7.57
CA ARG A 178 6.98 -24.14 -6.93
C ARG A 178 5.89 -25.13 -6.56
N MET A 179 5.65 -26.13 -7.40
CA MET A 179 4.68 -27.16 -7.04
C MET A 179 5.17 -28.00 -5.87
N ILE A 180 6.46 -28.32 -5.84
CA ILE A 180 6.99 -29.12 -4.75
C ILE A 180 6.99 -28.34 -3.44
N SER A 181 7.36 -27.06 -3.49
CA SER A 181 7.28 -26.22 -2.31
C SER A 181 5.83 -25.97 -1.90
N THR A 182 4.89 -26.09 -2.83
CA THR A 182 3.48 -26.00 -2.49
C THR A 182 3.03 -27.25 -1.75
N TRP A 183 3.34 -28.42 -2.29
CA TRP A 183 2.87 -29.67 -1.68
C TRP A 183 3.55 -29.97 -0.36
N VAL A 184 4.82 -29.64 -0.23
CA VAL A 184 5.54 -29.95 1.00
C VAL A 184 5.09 -29.04 2.14
N LEU A 185 5.15 -27.74 1.93
CA LEU A 185 4.82 -26.79 2.97
C LEU A 185 3.36 -26.39 2.97
N SER A 186 2.48 -27.28 2.50
CA SER A 186 1.06 -26.97 2.34
C SER A 186 0.32 -26.51 3.60
N PRO A 187 0.45 -27.12 4.79
CA PRO A 187 -0.31 -26.59 5.95
C PRO A 187 0.18 -25.23 6.44
N LEU A 188 1.40 -24.82 6.07
CA LEU A 188 1.83 -23.47 6.40
C LEU A 188 1.07 -22.44 5.58
N TYR A 189 0.91 -22.70 4.28
CA TYR A 189 0.20 -21.76 3.43
C TYR A 189 -1.30 -21.85 3.64
N VAL A 190 -1.80 -22.99 4.12
CA VAL A 190 -3.21 -23.09 4.47
C VAL A 190 -3.50 -22.25 5.70
N LEU A 191 -2.65 -22.35 6.73
CA LEU A 191 -2.84 -21.59 7.94
C LEU A 191 -2.39 -20.14 7.81
N GLY A 192 -1.90 -19.72 6.65
CA GLY A 192 -1.55 -18.34 6.42
C GLY A 192 -0.32 -17.91 7.19
N TRP A 193 0.71 -18.74 7.24
CA TRP A 193 1.92 -18.44 7.98
C TRP A 193 3.07 -18.07 7.08
N LYS A 194 3.18 -18.72 5.93
CA LYS A 194 3.89 -18.18 4.78
C LYS A 194 2.86 -17.78 3.74
N GLU A 195 3.18 -16.76 2.94
CA GLU A 195 2.14 -16.06 2.19
C GLU A 195 2.45 -15.92 0.71
N GLU A 196 3.30 -16.80 0.17
CA GLU A 196 3.57 -16.91 -1.28
C GLU A 196 4.13 -15.63 -1.90
N PHE A 197 4.86 -14.83 -1.15
CA PHE A 197 5.44 -13.62 -1.70
C PHE A 197 6.95 -13.66 -1.53
N GLN A 198 7.62 -12.63 -2.02
CA GLN A 198 9.06 -12.50 -1.88
C GLN A 198 9.41 -11.09 -1.44
N GLN A 199 10.35 -10.99 -0.52
CA GLN A 199 10.94 -9.71 -0.16
C GLN A 199 12.17 -9.51 -1.02
N VAL A 200 12.17 -8.45 -1.83
CA VAL A 200 13.30 -8.20 -2.72
C VAL A 200 14.01 -6.95 -2.24
N PRO A 201 15.12 -7.07 -1.51
CA PRO A 201 15.88 -5.89 -1.14
C PRO A 201 16.74 -5.43 -2.31
N VAL A 202 16.78 -4.12 -2.52
CA VAL A 202 17.60 -3.51 -3.55
C VAL A 202 18.45 -2.44 -2.89
N GLU A 203 19.76 -2.68 -2.81
CA GLU A 203 20.66 -1.71 -2.21
C GLU A 203 20.78 -0.49 -3.11
N ILE A 204 20.54 0.69 -2.55
CA ILE A 204 20.47 1.91 -3.33
C ILE A 204 21.74 2.74 -3.17
N PHE A 205 22.18 2.96 -1.94
CA PHE A 205 23.40 3.72 -1.70
C PHE A 205 24.26 3.01 -0.67
N SER A 206 25.52 3.46 -0.58
CA SER A 206 26.48 2.89 0.35
C SER A 206 26.96 3.87 1.41
N ARG A 207 26.90 5.18 1.15
CA ARG A 207 27.44 6.15 2.10
C ARG A 207 26.43 7.21 2.48
N TYR A 208 26.90 8.26 3.15
CA TYR A 208 26.04 9.24 3.81
C TYR A 208 25.52 10.27 2.81
N LEU A 209 24.85 11.30 3.32
CA LEU A 209 24.11 12.24 2.48
C LEU A 209 24.93 13.46 2.10
N GLU A 210 26.17 13.20 1.65
CA GLU A 210 27.03 14.04 0.83
C GLU A 210 27.64 15.26 1.54
N GLU A 211 27.09 15.66 2.70
CA GLU A 211 27.61 16.78 3.50
C GLU A 211 26.84 16.88 4.80
N ARG A 212 27.43 17.60 5.75
CA ARG A 212 26.79 17.94 7.02
C ARG A 212 25.98 19.23 6.95
N GLN A 213 26.17 20.03 5.91
CA GLN A 213 25.51 21.34 5.85
C GLN A 213 24.04 21.21 5.47
N HIS A 214 23.75 20.48 4.40
CA HIS A 214 22.36 20.27 3.96
C HIS A 214 22.17 18.81 3.60
N PRO A 215 21.79 17.99 4.56
CA PRO A 215 21.53 16.57 4.28
C PRO A 215 20.16 16.37 3.66
N ILE A 216 19.89 15.13 3.26
CA ILE A 216 18.76 14.78 2.41
C ILE A 216 17.53 14.51 3.26
N THR A 217 16.39 15.09 2.86
CA THR A 217 15.14 14.91 3.57
C THR A 217 14.30 13.77 2.98
N ASP A 218 13.95 13.87 1.71
CA ASP A 218 13.10 12.89 1.05
C ASP A 218 13.84 12.24 -0.12
N VAL A 219 13.30 11.10 -0.57
CA VAL A 219 13.93 10.26 -1.58
C VAL A 219 12.91 9.98 -2.67
N TYR A 220 13.13 10.54 -3.86
CA TYR A 220 12.19 10.42 -4.98
C TYR A 220 12.38 9.04 -5.62
N VAL A 221 11.51 8.11 -5.29
CA VAL A 221 11.62 6.73 -5.73
C VAL A 221 10.67 6.51 -6.91
N GLU A 222 11.12 5.77 -7.92
CA GLU A 222 10.21 5.33 -8.96
C GLU A 222 10.65 3.97 -9.47
N ILE A 223 9.67 3.17 -9.86
CA ILE A 223 9.92 1.85 -10.44
C ILE A 223 9.65 1.94 -11.93
N GLN A 224 10.61 1.48 -12.74
CA GLN A 224 10.58 1.66 -14.19
C GLN A 224 9.75 0.57 -14.86
N SER A 225 8.52 0.41 -14.39
CA SER A 225 7.61 -0.58 -14.96
C SER A 225 6.18 -0.17 -14.63
N GLN A 226 5.23 -0.86 -15.24
CA GLN A 226 3.82 -0.68 -14.95
C GLN A 226 3.08 -1.99 -14.77
N LYS A 227 3.66 -3.12 -15.16
CA LYS A 227 3.06 -4.42 -14.95
C LYS A 227 3.41 -5.01 -13.60
N ILE A 228 4.19 -4.30 -12.79
CA ILE A 228 4.61 -4.80 -11.50
C ILE A 228 3.45 -4.79 -10.52
N GLN A 229 3.36 -5.83 -9.70
CA GLN A 229 2.36 -5.92 -8.65
C GLN A 229 3.08 -6.18 -7.34
N PHE A 230 2.75 -5.40 -6.31
CA PHE A 230 3.43 -5.53 -5.04
C PHE A 230 2.46 -5.20 -3.92
N TYR A 231 2.84 -5.57 -2.70
CA TYR A 231 2.04 -5.27 -1.53
C TYR A 231 2.44 -3.94 -0.91
N THR A 232 3.72 -3.79 -0.60
CA THR A 232 4.19 -2.56 0.02
C THR A 232 5.66 -2.35 -0.32
N VAL A 233 6.11 -1.12 -0.12
CA VAL A 233 7.49 -0.71 -0.37
C VAL A 233 8.03 -0.10 0.92
N THR A 234 9.22 -0.53 1.33
CA THR A 234 9.78 -0.10 2.60
C THR A 234 11.26 0.20 2.44
N LEU A 235 11.65 1.43 2.74
CA LEU A 235 13.06 1.75 2.82
C LEU A 235 13.64 1.35 4.16
N HIS A 236 14.96 1.23 4.20
CA HIS A 236 15.67 0.89 5.43
C HIS A 236 16.95 1.71 5.45
N ILE A 237 16.94 2.81 6.19
CA ILE A 237 18.17 3.57 6.41
C ILE A 237 18.91 2.82 7.49
N VAL A 238 19.75 1.88 7.09
CA VAL A 238 20.36 0.98 8.05
C VAL A 238 21.59 1.64 8.66
N ALA A 239 21.85 1.31 9.92
CA ALA A 239 22.99 1.85 10.66
C ALA A 239 24.27 1.04 10.33
N ASP A 240 24.67 1.14 9.07
CA ASP A 240 25.78 0.35 8.55
C ASP A 240 26.71 1.28 7.79
N PHE A 241 27.98 1.26 8.16
CA PHE A 241 29.00 2.11 7.54
C PHE A 241 29.25 1.68 6.09
N ARG B 89 -11.40 1.95 16.33
CA ARG B 89 -12.41 1.17 17.06
C ARG B 89 -13.89 1.56 16.77
N PRO B 90 -14.26 2.84 16.64
CA PRO B 90 -15.60 3.12 16.12
C PRO B 90 -15.67 2.83 14.62
N VAL B 91 -16.62 1.98 14.24
CA VAL B 91 -16.78 1.60 12.85
C VAL B 91 -17.62 2.65 12.14
N HIS B 92 -17.48 2.72 10.82
CA HIS B 92 -18.16 3.73 10.02
C HIS B 92 -18.53 3.12 8.68
N MET B 93 -19.83 3.06 8.39
CA MET B 93 -20.31 2.34 7.22
C MET B 93 -20.69 3.34 6.13
N GLN B 94 -20.33 3.01 4.89
CA GLN B 94 -20.44 3.93 3.76
C GLN B 94 -21.12 3.24 2.59
N PHE B 95 -21.94 4.00 1.87
CA PHE B 95 -22.65 3.49 0.70
C PHE B 95 -21.89 3.95 -0.54
N LYS B 96 -20.97 3.11 -0.97
CA LYS B 96 -20.20 3.40 -2.19
C LYS B 96 -21.10 3.20 -3.40
N THR B 97 -21.48 4.30 -4.06
CA THR B 97 -22.40 4.22 -5.19
C THR B 97 -21.62 3.90 -6.45
N CYS B 98 -22.01 2.81 -7.12
CA CYS B 98 -21.25 2.29 -8.26
C CYS B 98 -21.76 2.93 -9.55
N LEU B 99 -21.55 4.26 -9.62
CA LEU B 99 -21.52 5.10 -10.82
C LEU B 99 -22.57 4.82 -11.89
N GLU B 100 -23.76 4.40 -11.45
CA GLU B 100 -25.01 4.14 -12.19
C GLU B 100 -24.90 3.23 -13.42
N THR B 101 -23.75 2.56 -13.61
CA THR B 101 -23.52 1.61 -14.69
C THR B 101 -22.45 0.61 -14.26
N SER B 102 -22.49 -0.56 -14.88
CA SER B 102 -21.35 -1.46 -14.79
C SER B 102 -20.21 -0.96 -15.65
N THR B 103 -20.52 -0.27 -16.76
CA THR B 103 -19.53 0.39 -17.58
C THR B 103 -18.98 1.61 -16.84
N PRO B 104 -17.69 1.94 -17.05
CA PRO B 104 -17.10 3.07 -16.32
C PRO B 104 -17.55 4.43 -16.81
N CYS B 105 -18.68 4.91 -16.30
CA CYS B 105 -19.07 6.30 -16.52
C CYS B 105 -18.06 7.24 -15.90
N THR B 106 -17.98 7.30 -14.57
CA THR B 106 -16.86 8.05 -13.98
C THR B 106 -15.98 7.18 -13.08
N PHE B 107 -16.51 6.80 -11.90
CA PHE B 107 -15.84 6.17 -10.77
C PHE B 107 -16.83 5.96 -9.62
N PRO B 108 -16.56 5.07 -8.66
CA PRO B 108 -17.43 4.99 -7.48
C PRO B 108 -17.34 6.24 -6.61
N HIS B 109 -18.41 6.48 -5.85
CA HIS B 109 -18.67 7.77 -5.22
C HIS B 109 -19.17 7.53 -3.80
N ALA B 110 -18.89 8.49 -2.92
CA ALA B 110 -18.85 8.27 -1.47
C ALA B 110 -19.20 9.52 -0.66
N HIS B 111 -18.54 9.64 0.50
CA HIS B 111 -18.53 10.72 1.51
C HIS B 111 -19.85 10.91 2.25
N VAL B 112 -20.23 9.89 3.01
CA VAL B 112 -21.15 10.06 4.14
C VAL B 112 -20.35 9.83 5.43
N SER B 113 -20.29 10.86 6.27
CA SER B 113 -19.52 10.78 7.53
C SER B 113 -19.98 11.89 8.46
N LEU B 114 -20.47 11.52 9.64
CA LEU B 114 -20.82 12.51 10.66
C LEU B 114 -20.69 11.84 12.04
N THR B 115 -19.52 12.01 12.67
CA THR B 115 -19.33 11.71 14.10
C THR B 115 -18.53 12.89 14.66
N LYS B 116 -19.24 13.94 15.10
CA LYS B 116 -18.59 15.17 15.51
C LYS B 116 -17.85 15.01 16.83
N LYS B 117 -18.39 14.19 17.74
CA LYS B 117 -17.68 13.92 18.99
C LYS B 117 -16.40 13.12 18.73
N GLN B 118 -16.43 12.20 17.77
CA GLN B 118 -15.24 11.45 17.42
C GLN B 118 -14.31 12.23 16.51
N GLN B 119 -14.86 13.20 15.77
CA GLN B 119 -14.06 14.21 15.08
C GLN B 119 -13.21 15.00 16.07
N LEU B 120 -13.83 15.47 17.15
CA LEU B 120 -13.11 16.24 18.16
C LEU B 120 -12.13 15.36 18.94
N LEU B 121 -12.52 14.12 19.23
CA LEU B 121 -11.59 13.20 19.90
C LEU B 121 -10.47 12.74 18.98
N MET B 122 -10.66 12.82 17.66
CA MET B 122 -9.56 12.58 16.74
C MET B 122 -8.57 13.75 16.75
N VAL B 123 -9.09 14.97 16.76
CA VAL B 123 -8.22 16.14 16.69
C VAL B 123 -7.46 16.34 18.00
N GLY B 124 -8.17 16.29 19.12
CA GLY B 124 -7.56 16.54 20.42
C GLY B 124 -6.59 15.46 20.87
N GLN B 125 -6.66 14.26 20.28
CA GLN B 125 -5.83 13.15 20.70
C GLN B 125 -5.08 12.49 19.55
N ALA B 126 -5.02 13.14 18.37
CA ALA B 126 -4.15 12.77 17.24
C ALA B 126 -4.43 11.36 16.71
N TYR B 127 -5.70 11.04 16.52
CA TYR B 127 -6.09 9.73 16.04
C TYR B 127 -5.88 9.64 14.53
N LYS B 128 -6.13 8.46 13.96
CA LYS B 128 -5.99 8.27 12.53
C LYS B 128 -7.17 7.47 12.01
N VAL B 129 -7.19 7.28 10.69
CA VAL B 129 -8.32 6.66 9.99
C VAL B 129 -7.78 5.61 9.01
N ILE B 130 -8.53 4.53 8.86
CA ILE B 130 -8.20 3.46 7.93
C ILE B 130 -9.48 2.91 7.31
N VAL B 131 -9.45 2.70 6.01
CA VAL B 131 -10.58 2.13 5.28
C VAL B 131 -10.37 0.63 5.21
N ASN B 132 -11.46 -0.12 5.07
CA ASN B 132 -11.41 -1.58 4.98
C ASN B 132 -12.47 -2.02 3.99
N ILE B 133 -12.07 -2.77 2.98
CA ILE B 133 -12.97 -3.20 1.91
C ILE B 133 -13.10 -4.71 1.96
N ASP B 134 -14.33 -5.20 1.86
CA ASP B 134 -14.63 -6.62 1.87
C ASP B 134 -14.95 -7.04 0.44
N MET B 135 -14.09 -7.88 -0.13
CA MET B 135 -14.25 -8.25 -1.52
C MET B 135 -14.05 -9.76 -1.68
N PRO B 136 -14.76 -10.39 -2.63
CA PRO B 136 -14.67 -11.84 -2.75
C PRO B 136 -13.52 -12.31 -3.63
N GLU B 137 -13.42 -13.62 -3.82
CA GLU B 137 -12.49 -14.18 -4.79
C GLU B 137 -13.15 -14.41 -6.14
N SER B 138 -13.79 -13.37 -6.67
CA SER B 138 -14.39 -13.46 -7.99
C SER B 138 -13.30 -13.54 -9.06
N PRO B 139 -13.58 -14.19 -10.19
CA PRO B 139 -12.61 -14.18 -11.29
C PRO B 139 -12.33 -12.80 -11.84
N GLN B 140 -13.35 -11.93 -11.89
CA GLN B 140 -13.10 -10.53 -12.22
C GLN B 140 -12.32 -9.85 -11.11
N ASN B 141 -12.55 -10.26 -9.86
CA ASN B 141 -11.80 -9.68 -8.76
C ASN B 141 -10.37 -10.20 -8.73
N LEU B 142 -10.15 -11.45 -9.12
CA LEU B 142 -8.80 -11.99 -9.14
C LEU B 142 -8.02 -11.54 -10.37
N GLU B 143 -8.70 -11.16 -11.44
CA GLU B 143 -8.03 -10.60 -12.61
C GLU B 143 -7.65 -9.13 -12.40
N LEU B 144 -8.15 -8.52 -11.32
CA LEU B 144 -7.98 -7.08 -11.12
C LEU B 144 -6.54 -6.71 -10.82
N GLY B 145 -5.96 -7.32 -9.80
CA GLY B 145 -4.61 -6.96 -9.42
C GLY B 145 -4.60 -5.65 -8.65
N MET B 146 -3.56 -4.85 -8.90
CA MET B 146 -3.36 -3.62 -8.15
C MET B 146 -4.36 -2.56 -8.60
N PHE B 147 -4.83 -1.76 -7.64
CA PHE B 147 -5.70 -0.64 -7.91
C PHE B 147 -5.39 0.46 -6.90
N MET B 148 -5.69 1.68 -7.29
CA MET B 148 -5.53 2.84 -6.41
C MET B 148 -6.83 3.18 -5.72
N VAL B 149 -6.71 3.77 -4.54
CA VAL B 149 -7.86 4.27 -3.79
C VAL B 149 -7.44 5.63 -3.23
N CYS B 150 -8.40 6.53 -3.10
CA CYS B 150 -8.01 7.89 -2.72
C CYS B 150 -9.10 8.50 -1.85
N ALA B 151 -8.68 9.41 -0.96
CA ALA B 151 -9.57 9.99 0.02
C ALA B 151 -9.22 11.45 0.23
N GLU B 152 -10.22 12.24 0.63
CA GLU B 152 -10.08 13.67 0.81
C GLU B 152 -10.50 14.06 2.22
N MET B 153 -10.22 15.32 2.57
CA MET B 153 -10.51 15.85 3.90
C MET B 153 -11.12 17.24 3.76
N ARG B 154 -12.45 17.31 3.78
CA ARG B 154 -13.17 18.58 3.72
C ARG B 154 -13.74 18.91 5.08
N ASP B 155 -13.50 20.14 5.55
CA ASP B 155 -13.76 20.49 6.93
C ASP B 155 -15.20 20.95 7.14
N TYR B 156 -15.45 21.53 8.31
CA TYR B 156 -16.75 22.14 8.61
C TYR B 156 -17.01 23.35 7.72
N ASP B 157 -15.97 24.00 7.23
CA ASP B 157 -16.09 25.05 6.23
C ASP B 157 -16.09 24.53 4.81
N SER B 158 -16.08 23.20 4.64
CA SER B 158 -16.03 22.52 3.34
C SER B 158 -14.79 22.92 2.54
N MET B 159 -13.68 23.11 3.24
CA MET B 159 -12.39 23.38 2.61
C MET B 159 -11.56 22.11 2.61
N LEU B 160 -10.94 21.81 1.48
CA LEU B 160 -10.09 20.63 1.35
C LEU B 160 -8.83 20.82 2.18
N ARG B 161 -8.67 20.02 3.22
CA ARG B 161 -7.54 20.15 4.13
C ARG B 161 -6.52 19.03 3.99
N GLY B 162 -6.91 17.90 3.42
CA GLY B 162 -5.99 16.79 3.24
C GLY B 162 -6.43 15.92 2.08
N HIS B 163 -5.44 15.33 1.40
CA HIS B 163 -5.68 14.57 0.19
C HIS B 163 -4.61 13.51 0.06
N SER B 164 -5.01 12.25 0.07
CA SER B 164 -4.04 11.16 -0.04
C SER B 164 -4.63 10.05 -0.90
N CYS B 165 -3.94 9.70 -1.97
CA CYS B 165 -4.27 8.55 -2.77
C CYS B 165 -3.38 7.39 -2.36
N ARG B 166 -3.98 6.20 -2.26
CA ARG B 166 -3.32 5.05 -1.68
C ARG B 166 -3.35 3.87 -2.66
N SER B 167 -2.37 3.00 -2.52
CA SER B 167 -2.26 1.80 -3.34
C SER B 167 -2.85 0.60 -2.62
N ALA B 168 -3.40 -0.32 -3.39
CA ALA B 168 -4.05 -1.49 -2.80
C ALA B 168 -4.03 -2.64 -3.80
N MET B 169 -4.13 -3.85 -3.27
CA MET B 169 -4.11 -5.09 -4.04
C MET B 169 -4.58 -6.21 -3.12
N MET B 170 -5.26 -7.19 -3.70
CA MET B 170 -5.66 -8.37 -2.94
C MET B 170 -4.45 -9.19 -2.52
N ARG B 171 -4.59 -9.91 -1.41
CA ARG B 171 -3.61 -10.91 -1.02
C ARG B 171 -3.65 -12.05 -2.04
N TYR B 172 -2.62 -12.16 -2.85
CA TYR B 172 -2.62 -13.16 -3.91
C TYR B 172 -2.38 -14.55 -3.33
N ARG B 173 -3.16 -15.50 -3.84
CA ARG B 173 -3.01 -16.91 -3.50
C ARG B 173 -2.89 -17.68 -4.80
N SER B 174 -2.09 -18.73 -4.78
CA SER B 174 -1.99 -19.61 -5.93
C SER B 174 -3.29 -20.39 -6.08
N PRO B 175 -3.63 -20.84 -7.30
CA PRO B 175 -4.83 -21.68 -7.44
C PRO B 175 -4.70 -23.03 -6.77
N LEU B 176 -3.47 -23.54 -6.65
CA LEU B 176 -3.24 -24.77 -5.90
C LEU B 176 -3.61 -24.60 -4.44
N ILE B 177 -3.16 -23.50 -3.82
CA ILE B 177 -3.45 -23.32 -2.40
C ILE B 177 -4.89 -22.91 -2.18
N ARG B 178 -5.57 -22.35 -3.19
CA ARG B 178 -7.01 -22.13 -3.06
C ARG B 178 -7.76 -23.45 -3.11
N MET B 179 -7.32 -24.38 -3.95
CA MET B 179 -7.97 -25.70 -3.97
C MET B 179 -7.72 -26.46 -2.67
N ILE B 180 -6.50 -26.35 -2.12
CA ILE B 180 -6.18 -27.06 -0.90
C ILE B 180 -6.93 -26.45 0.29
N SER B 181 -7.01 -25.12 0.35
CA SER B 181 -7.81 -24.47 1.38
C SER B 181 -9.30 -24.73 1.18
N THR B 182 -9.71 -25.04 -0.04
CA THR B 182 -11.10 -25.43 -0.27
C THR B 182 -11.36 -26.83 0.27
N TRP B 183 -10.50 -27.79 -0.06
CA TRP B 183 -10.74 -29.17 0.34
C TRP B 183 -10.54 -29.38 1.84
N VAL B 184 -9.59 -28.68 2.45
CA VAL B 184 -9.32 -28.88 3.88
C VAL B 184 -10.44 -28.27 4.71
N LEU B 185 -10.74 -26.99 4.50
CA LEU B 185 -11.73 -26.30 5.31
C LEU B 185 -13.13 -26.37 4.73
N SER B 186 -13.42 -27.44 3.98
CA SER B 186 -14.70 -27.58 3.28
C SER B 186 -15.96 -27.51 4.14
N PRO B 187 -16.10 -28.17 5.31
CA PRO B 187 -17.36 -28.01 6.05
C PRO B 187 -17.56 -26.63 6.66
N LEU B 188 -16.50 -25.83 6.77
CA LEU B 188 -16.68 -24.44 7.21
C LEU B 188 -17.38 -23.62 6.13
N TYR B 189 -16.94 -23.78 4.87
CA TYR B 189 -17.56 -23.03 3.79
C TYR B 189 -18.90 -23.61 3.41
N VAL B 190 -19.14 -24.90 3.68
CA VAL B 190 -20.47 -25.47 3.47
C VAL B 190 -21.45 -24.89 4.47
N LEU B 191 -21.06 -24.83 5.74
CA LEU B 191 -21.93 -24.28 6.77
C LEU B 191 -21.96 -22.76 6.79
N GLY B 192 -21.25 -22.10 5.88
CA GLY B 192 -21.30 -20.65 5.77
C GLY B 192 -20.67 -19.94 6.94
N TRP B 193 -19.53 -20.41 7.41
CA TRP B 193 -18.85 -19.83 8.55
C TRP B 193 -17.63 -19.02 8.15
N LYS B 194 -16.89 -19.49 7.15
CA LYS B 194 -16.02 -18.64 6.35
C LYS B 194 -16.65 -18.49 4.98
N GLU B 195 -16.41 -17.34 4.35
CA GLU B 195 -17.26 -16.94 3.23
C GLU B 195 -16.48 -16.55 1.98
N GLU B 196 -15.25 -17.05 1.83
CA GLU B 196 -14.44 -16.95 0.61
C GLU B 196 -14.14 -15.50 0.21
N PHE B 197 -14.05 -14.59 1.16
CA PHE B 197 -13.74 -13.20 0.84
C PHE B 197 -12.48 -12.79 1.59
N GLN B 198 -12.05 -11.55 1.36
CA GLN B 198 -10.89 -11.00 2.04
C GLN B 198 -11.23 -9.60 2.54
N GLN B 199 -10.78 -9.31 3.75
CA GLN B 199 -10.82 -7.95 4.28
C GLN B 199 -9.49 -7.28 3.94
N VAL B 200 -9.54 -6.20 3.17
CA VAL B 200 -8.30 -5.53 2.78
C VAL B 200 -8.28 -4.16 3.46
N PRO B 201 -7.55 -4.02 4.56
CA PRO B 201 -7.40 -2.69 5.16
C PRO B 201 -6.38 -1.87 4.40
N VAL B 202 -6.69 -0.60 4.19
CA VAL B 202 -5.79 0.33 3.52
C VAL B 202 -5.66 1.54 4.43
N GLU B 203 -4.47 1.71 5.02
CA GLU B 203 -4.22 2.85 5.90
C GLU B 203 -4.18 4.13 5.08
N ILE B 204 -4.99 5.12 5.47
CA ILE B 204 -5.15 6.33 4.68
C ILE B 204 -4.38 7.49 5.29
N PHE B 205 -4.53 7.72 6.59
CA PHE B 205 -3.82 8.79 7.26
C PHE B 205 -3.22 8.29 8.57
N SER B 206 -2.31 9.09 9.12
CA SER B 206 -1.65 8.76 10.37
C SER B 206 -1.95 9.73 11.51
N ARG B 207 -2.32 10.97 11.20
CA ARG B 207 -2.52 11.95 12.25
C ARG B 207 -3.90 12.62 12.18
N TYR B 208 -4.09 13.68 12.95
CA TYR B 208 -5.40 14.28 13.19
C TYR B 208 -5.81 15.20 12.04
N LEU B 209 -6.92 15.90 12.22
CA LEU B 209 -7.56 16.64 11.13
C LEU B 209 -7.09 18.09 11.06
N GLU B 210 -5.77 18.27 11.13
CA GLU B 210 -4.98 19.43 10.68
C GLU B 210 -5.13 20.69 11.53
N GLU B 211 -6.16 20.79 12.38
CA GLU B 211 -6.37 21.92 13.29
C GLU B 211 -7.56 21.65 14.19
N ARG B 212 -7.64 22.42 15.27
CA ARG B 212 -8.78 22.40 16.17
C ARG B 212 -9.88 23.38 15.75
N GLN B 213 -9.60 24.31 14.85
CA GLN B 213 -10.56 25.34 14.50
C GLN B 213 -11.65 24.79 13.59
N HIS B 214 -11.28 24.12 12.51
CA HIS B 214 -12.24 23.54 11.58
C HIS B 214 -11.80 22.13 11.20
N PRO B 215 -12.22 21.14 11.97
CA PRO B 215 -11.87 19.74 11.65
C PRO B 215 -12.78 19.19 10.55
N ILE B 216 -12.44 17.97 10.13
CA ILE B 216 -12.99 17.38 8.91
C ILE B 216 -14.29 16.65 9.22
N THR B 217 -15.32 16.90 8.40
CA THR B 217 -16.62 16.25 8.59
C THR B 217 -16.74 14.97 7.75
N ASP B 218 -16.61 15.09 6.43
CA ASP B 218 -16.78 13.96 5.53
C ASP B 218 -15.49 13.68 4.75
N VAL B 219 -15.42 12.49 4.18
CA VAL B 219 -14.21 12.00 3.51
C VAL B 219 -14.60 11.52 2.12
N TYR B 220 -14.15 12.23 1.09
CA TYR B 220 -14.49 11.95 -0.30
C TYR B 220 -13.64 10.77 -0.78
N VAL B 221 -14.22 9.57 -0.78
CA VAL B 221 -13.50 8.35 -1.10
C VAL B 221 -13.81 7.97 -2.55
N GLU B 222 -12.81 7.51 -3.28
CA GLU B 222 -13.06 6.92 -4.58
C GLU B 222 -12.04 5.82 -4.84
N ILE B 223 -12.48 4.79 -5.55
CA ILE B 223 -11.63 3.68 -5.95
C ILE B 223 -11.33 3.83 -7.43
N GLN B 224 -10.05 3.78 -7.79
CA GLN B 224 -9.59 4.09 -9.14
C GLN B 224 -9.70 2.87 -10.05
N SER B 225 -10.88 2.28 -10.10
CA SER B 225 -11.15 1.12 -10.94
C SER B 225 -12.64 1.03 -11.19
N GLN B 226 -13.00 0.13 -12.11
CA GLN B 226 -14.39 -0.16 -12.40
C GLN B 226 -14.68 -1.64 -12.47
N LYS B 227 -13.66 -2.49 -12.58
CA LYS B 227 -13.83 -3.93 -12.58
C LYS B 227 -13.85 -4.52 -11.17
N ILE B 228 -13.70 -3.68 -10.15
CA ILE B 228 -13.66 -4.16 -8.78
C ILE B 228 -15.04 -4.60 -8.33
N GLN B 229 -15.08 -5.69 -7.57
CA GLN B 229 -16.32 -6.19 -6.99
C GLN B 229 -16.10 -6.35 -5.50
N PHE B 230 -17.02 -5.83 -4.70
CA PHE B 230 -16.87 -5.85 -3.25
C PHE B 230 -18.25 -5.95 -2.61
N TYR B 231 -18.24 -6.32 -1.33
CA TYR B 231 -19.48 -6.39 -0.58
C TYR B 231 -19.79 -5.07 0.11
N THR B 232 -18.85 -4.56 0.89
CA THR B 232 -19.08 -3.32 1.61
C THR B 232 -17.74 -2.63 1.86
N VAL B 233 -17.83 -1.34 2.19
CA VAL B 233 -16.67 -0.50 2.47
C VAL B 233 -16.89 0.11 3.84
N THR B 234 -15.87 0.05 4.70
CA THR B 234 -16.00 0.50 6.07
C THR B 234 -14.75 1.25 6.49
N LEU B 235 -14.93 2.51 6.88
CA LEU B 235 -13.84 3.25 7.48
C LEU B 235 -13.71 2.91 8.97
N HIS B 236 -12.53 3.21 9.51
CA HIS B 236 -12.27 2.99 10.94
C HIS B 236 -11.43 4.16 11.42
N ILE B 237 -12.08 5.13 12.05
CA ILE B 237 -11.34 6.20 12.71
C ILE B 237 -10.86 5.62 14.02
N VAL B 238 -9.68 5.04 14.00
CA VAL B 238 -9.21 4.28 15.15
C VAL B 238 -8.59 5.22 16.17
N ALA B 239 -8.73 4.86 17.45
CA ALA B 239 -8.19 5.65 18.56
C ALA B 239 -6.71 5.33 18.76
N ASP B 240 -5.91 5.67 17.76
CA ASP B 240 -4.49 5.33 17.72
C ASP B 240 -3.70 6.57 17.35
N PHE B 241 -2.74 6.91 18.20
CA PHE B 241 -1.90 8.08 17.99
C PHE B 241 -1.00 7.92 16.77
#